data_1WPN
#
_entry.id   1WPN
#
_cell.length_a   48.140
_cell.length_b   60.970
_cell.length_c   74.060
_cell.angle_alpha   90.00
_cell.angle_beta   99.99
_cell.angle_gamma   90.00
#
_symmetry.space_group_name_H-M   'P 1 21 1'
#
loop_
_entity.id
_entity.type
_entity.pdbx_description
1 polymer 'Manganese-dependent inorganic pyrophosphatase'
2 non-polymer 'MANGANESE (II) ION'
3 non-polymer 'SULFATE ION'
4 water water
#
_entity_poly.entity_id   1
_entity_poly.type   'polypeptide(L)'
_entity_poly.pdbx_seq_one_letter_code
;MEKILIFGHQNPDTDTICSAIAYADLKNKLGFNAEPVRLGQVNGETQYALDYFKQESPRLVETAANEVNGVILVDHNERQ
QSIKDIEEVQVLEVIDHHRIANFETAEPLYYRAEPVGCTATILNKMYKENNVKIEKEIAGLMLSAIISDSLLFKSPTCTD
QDVAAAKELAEIAGVDAEEYGLNMLKAG
;
_entity_poly.pdbx_strand_id   A,B
#
# COMPACT_ATOMS: atom_id res chain seq x y z
N GLU A 2 -14.73 8.16 15.81
CA GLU A 2 -14.60 6.87 16.54
C GLU A 2 -13.12 6.51 16.82
N LYS A 3 -12.89 6.02 18.03
CA LYS A 3 -11.52 5.74 18.51
C LYS A 3 -10.91 4.53 17.84
N ILE A 4 -9.64 4.66 17.44
CA ILE A 4 -8.87 3.52 16.95
C ILE A 4 -7.55 3.41 17.73
N LEU A 5 -7.04 2.17 17.83
CA LEU A 5 -5.71 1.92 18.35
C LEU A 5 -4.73 1.59 17.24
N ILE A 6 -3.52 2.10 17.36
CA ILE A 6 -2.43 1.86 16.37
C ILE A 6 -1.30 1.16 17.12
N PHE A 7 -0.81 0.03 16.64
CA PHE A 7 0.25 -0.68 17.37
C PHE A 7 1.11 -1.48 16.40
N GLY A 8 2.34 -1.70 16.81
CA GLY A 8 3.22 -2.67 16.19
C GLY A 8 3.20 -4.01 16.92
N HIS A 9 4.27 -4.78 16.69
CA HIS A 9 4.25 -6.17 17.11
C HIS A 9 4.56 -6.42 18.60
N GLN A 10 4.27 -7.65 19.03
N GLN A 10 4.28 -7.65 19.01
CA GLN A 10 4.76 -8.18 20.33
CA GLN A 10 4.79 -8.21 20.29
C GLN A 10 6.27 -8.14 20.31
C GLN A 10 6.30 -8.11 20.31
N ASN A 11 6.89 -8.11 21.50
CA ASN A 11 8.34 -7.92 21.63
C ASN A 11 8.79 -6.66 20.87
N PRO A 12 8.27 -5.52 21.29
CA PRO A 12 8.43 -4.31 20.47
C PRO A 12 9.87 -3.91 20.22
N ASP A 13 10.14 -3.43 19.00
CA ASP A 13 11.40 -2.80 18.72
C ASP A 13 11.12 -1.30 18.49
N THR A 14 12.18 -0.57 18.21
CA THR A 14 12.09 0.86 18.08
C THR A 14 11.16 1.26 16.93
N ASP A 15 11.21 0.55 15.78
CA ASP A 15 10.31 0.90 14.69
C ASP A 15 8.86 0.70 15.14
N THR A 16 8.57 -0.42 15.81
CA THR A 16 7.20 -0.69 16.20
C THR A 16 6.66 0.32 17.19
N ILE A 17 7.51 0.86 18.06
CA ILE A 17 7.01 1.89 18.98
C ILE A 17 6.91 3.25 18.28
N CYS A 18 7.97 3.64 17.60
CA CYS A 18 8.06 4.96 17.02
C CYS A 18 7.08 5.14 15.86
N SER A 19 6.89 4.08 15.04
CA SER A 19 5.96 4.19 13.93
C SER A 19 4.52 4.23 14.43
N ALA A 20 4.19 3.58 15.55
CA ALA A 20 2.84 3.69 16.14
C ALA A 20 2.62 5.13 16.58
N ILE A 21 3.59 5.74 17.26
CA ILE A 21 3.45 7.12 17.72
C ILE A 21 3.33 8.06 16.53
N ALA A 22 4.18 7.88 15.49
CA ALA A 22 4.20 8.77 14.36
C ALA A 22 2.92 8.64 13.54
N TYR A 23 2.45 7.42 13.29
CA TYR A 23 1.25 7.32 12.46
C TYR A 23 0.03 7.80 13.25
N ALA A 24 -0.02 7.63 14.57
CA ALA A 24 -1.14 8.21 15.33
C ALA A 24 -1.10 9.74 15.22
N ASP A 25 0.09 10.34 15.23
CA ASP A 25 0.22 11.79 15.06
C ASP A 25 -0.33 12.22 13.70
N LEU A 26 0.05 11.54 12.64
CA LEU A 26 -0.47 11.86 11.32
C LEU A 26 -1.96 11.72 11.26
N LYS A 27 -2.50 10.61 11.74
N LYS A 27 -2.50 10.60 11.74
CA LYS A 27 -3.94 10.39 11.76
CA LYS A 27 -3.94 10.34 11.70
C LYS A 27 -4.64 11.52 12.48
C LYS A 27 -4.72 11.38 12.53
N ASN A 28 -4.15 11.82 13.66
CA ASN A 28 -4.79 12.86 14.50
C ASN A 28 -4.73 14.24 13.83
N LYS A 29 -3.58 14.58 13.22
N LYS A 29 -3.63 14.55 13.15
CA LYS A 29 -3.48 15.82 12.45
CA LYS A 29 -3.51 15.80 12.42
C LYS A 29 -4.54 15.86 11.33
C LYS A 29 -4.38 15.85 11.16
N LEU A 30 -4.91 14.70 10.78
CA LEU A 30 -5.86 14.60 9.65
C LEU A 30 -7.33 14.50 10.13
N GLY A 31 -7.53 14.66 11.43
CA GLY A 31 -8.86 14.69 12.04
C GLY A 31 -9.45 13.39 12.58
N PHE A 32 -8.62 12.36 12.73
CA PHE A 32 -9.10 11.09 13.25
C PHE A 32 -8.89 11.04 14.76
N ASN A 33 -9.16 9.91 15.33
CA ASN A 33 -9.08 9.76 16.78
C ASN A 33 -8.31 8.48 17.11
N ALA A 34 -7.00 8.62 17.19
CA ALA A 34 -6.10 7.49 17.21
C ALA A 34 -5.23 7.57 18.43
N GLU A 35 -4.95 6.43 19.06
CA GLU A 35 -3.99 6.35 20.19
C GLU A 35 -2.94 5.30 19.82
N PRO A 36 -1.65 5.62 19.93
CA PRO A 36 -0.61 4.60 19.73
C PRO A 36 -0.52 3.77 21.00
N VAL A 37 -0.43 2.45 20.89
CA VAL A 37 -0.29 1.58 22.03
C VAL A 37 0.84 0.58 21.77
N ARG A 38 1.21 -0.18 22.80
CA ARG A 38 2.25 -1.21 22.67
C ARG A 38 1.81 -2.51 23.25
N LEU A 39 2.47 -3.57 22.81
CA LEU A 39 2.09 -4.93 23.19
C LEU A 39 3.09 -5.60 24.11
N GLY A 40 4.18 -4.93 24.48
CA GLY A 40 5.13 -5.49 25.44
C GLY A 40 6.04 -4.38 25.92
N GLN A 41 7.07 -4.78 26.64
CA GLN A 41 7.99 -3.83 27.25
C GLN A 41 8.92 -3.13 26.25
N VAL A 42 9.24 -1.88 26.54
CA VAL A 42 10.13 -1.05 25.72
C VAL A 42 11.57 -1.40 26.06
N ASN A 43 12.38 -1.67 25.06
CA ASN A 43 13.79 -1.95 25.31
C ASN A 43 14.64 -0.67 25.49
N GLY A 44 15.91 -0.84 25.90
CA GLY A 44 16.73 0.34 26.18
C GLY A 44 17.06 1.23 25.02
N GLU A 45 17.17 0.63 23.84
CA GLU A 45 17.36 1.42 22.66
C GLU A 45 16.16 2.33 22.39
N THR A 46 14.97 1.76 22.37
CA THR A 46 13.77 2.55 22.19
C THR A 46 13.61 3.58 23.32
N GLN A 47 13.96 3.18 24.56
CA GLN A 47 13.83 4.11 25.68
C GLN A 47 14.73 5.34 25.50
N TYR A 48 15.95 5.15 24.97
CA TYR A 48 16.80 6.28 24.66
C TYR A 48 16.15 7.28 23.70
N ALA A 49 15.50 6.74 22.66
CA ALA A 49 14.89 7.58 21.67
C ALA A 49 13.71 8.34 22.30
N LEU A 50 12.89 7.63 23.07
CA LEU A 50 11.73 8.30 23.69
C LEU A 50 12.22 9.40 24.65
N ASP A 51 13.27 9.11 25.41
CA ASP A 51 13.76 10.09 26.37
C ASP A 51 14.41 11.27 25.66
N TYR A 52 15.16 11.01 24.60
CA TYR A 52 15.87 12.07 23.90
C TYR A 52 14.89 13.05 23.26
N PHE A 53 13.83 12.50 22.66
CA PHE A 53 12.83 13.32 21.96
C PHE A 53 11.59 13.62 22.81
N LYS A 54 11.68 13.39 24.12
CA LYS A 54 10.66 13.84 25.10
C LYS A 54 9.27 13.32 24.72
N GLN A 55 9.20 12.03 24.46
CA GLN A 55 7.96 11.33 24.11
C GLN A 55 7.71 10.27 25.17
N GLU A 56 6.45 10.07 25.51
N GLU A 56 6.45 10.12 25.61
CA GLU A 56 6.08 9.05 26.46
CA GLU A 56 6.09 9.03 26.53
C GLU A 56 5.94 7.69 25.77
C GLU A 56 6.00 7.66 25.83
N SER A 57 6.26 6.64 26.50
N SER A 57 6.24 6.60 26.59
CA SER A 57 6.03 5.30 26.00
CA SER A 57 5.96 5.27 26.08
C SER A 57 4.52 5.05 25.82
C SER A 57 4.47 5.16 25.77
N PRO A 58 4.11 4.54 24.65
CA PRO A 58 2.69 4.22 24.42
C PRO A 58 2.10 3.35 25.54
N ARG A 59 0.82 3.51 25.81
CA ARG A 59 0.15 2.68 26.81
C ARG A 59 0.23 1.18 26.42
N LEU A 60 0.51 0.31 27.39
CA LEU A 60 0.56 -1.12 27.20
C LEU A 60 -0.84 -1.69 27.21
N VAL A 61 -1.16 -2.50 26.20
CA VAL A 61 -2.43 -3.22 26.15
C VAL A 61 -2.21 -4.68 25.90
N GLU A 62 -3.17 -5.50 26.36
CA GLU A 62 -3.18 -6.94 26.09
C GLU A 62 -4.22 -7.29 25.02
N THR A 63 -5.28 -6.50 24.96
CA THR A 63 -6.39 -6.75 24.04
C THR A 63 -6.89 -5.45 23.47
N ALA A 64 -7.57 -5.50 22.32
CA ALA A 64 -8.11 -4.31 21.74
C ALA A 64 -9.64 -4.31 21.70
N ALA A 65 -10.28 -5.49 21.62
CA ALA A 65 -11.74 -5.54 21.35
C ALA A 65 -12.60 -4.97 22.48
N ASN A 66 -12.06 -4.95 23.68
CA ASN A 66 -12.74 -4.29 24.80
C ASN A 66 -12.74 -2.79 24.72
N GLU A 67 -11.89 -2.22 23.86
CA GLU A 67 -11.77 -0.76 23.75
C GLU A 67 -12.31 -0.19 22.44
N VAL A 68 -12.04 -0.89 21.33
CA VAL A 68 -12.32 -0.33 20.02
C VAL A 68 -12.88 -1.38 19.07
N ASN A 69 -13.40 -0.91 17.93
CA ASN A 69 -13.85 -1.85 16.94
C ASN A 69 -12.82 -2.05 15.82
N GLY A 70 -11.91 -1.09 15.68
CA GLY A 70 -10.97 -1.15 14.55
C GLY A 70 -9.59 -0.74 15.03
N VAL A 71 -8.57 -1.31 14.38
CA VAL A 71 -7.17 -1.07 14.73
C VAL A 71 -6.37 -0.82 13.42
N ILE A 72 -5.20 -0.24 13.59
CA ILE A 72 -4.20 -0.11 12.52
C ILE A 72 -2.93 -0.80 12.98
N LEU A 73 -2.40 -1.66 12.12
CA LEU A 73 -1.13 -2.32 12.40
C LEU A 73 0.01 -1.60 11.74
N VAL A 74 1.08 -1.35 12.49
CA VAL A 74 2.32 -0.86 11.87
C VAL A 74 3.41 -1.90 12.06
N ASP A 75 4.30 -2.00 11.08
CA ASP A 75 5.53 -2.78 11.22
C ASP A 75 5.30 -4.28 11.37
N HIS A 76 4.09 -4.76 11.09
CA HIS A 76 3.84 -6.21 11.13
C HIS A 76 2.49 -6.44 10.46
N ASN A 77 2.28 -7.70 10.06
CA ASN A 77 0.96 -8.18 9.69
C ASN A 77 0.67 -9.57 10.23
N GLU A 78 1.69 -10.39 10.44
CA GLU A 78 1.43 -11.80 10.79
C GLU A 78 0.69 -11.93 12.12
N ARG A 79 -0.32 -12.78 12.17
CA ARG A 79 -1.18 -12.82 13.34
C ARG A 79 -0.43 -13.17 14.62
N GLN A 80 0.59 -14.02 14.54
CA GLN A 80 1.30 -14.44 15.75
C GLN A 80 2.20 -13.34 16.27
N GLN A 81 2.44 -12.29 15.48
CA GLN A 81 3.20 -11.12 15.94
C GLN A 81 2.27 -10.03 16.49
N SER A 82 0.96 -10.23 16.34
CA SER A 82 0.03 -9.15 16.61
C SER A 82 -0.67 -9.31 17.98
N ILE A 83 -1.69 -8.49 18.22
CA ILE A 83 -2.37 -8.56 19.54
C ILE A 83 -3.16 -9.87 19.60
N LYS A 84 -3.34 -10.39 20.81
CA LYS A 84 -3.91 -11.72 20.92
C LYS A 84 -5.33 -11.85 20.41
N ASP A 85 -6.10 -10.78 20.47
CA ASP A 85 -7.45 -10.78 19.97
C ASP A 85 -7.64 -10.07 18.66
N ILE A 86 -6.60 -10.14 17.83
CA ILE A 86 -6.66 -9.46 16.51
C ILE A 86 -7.84 -9.97 15.66
N GLU A 87 -8.25 -11.23 15.86
CA GLU A 87 -9.33 -11.75 15.03
C GLU A 87 -10.70 -11.22 15.49
N GLU A 88 -10.76 -10.52 16.63
CA GLU A 88 -11.99 -9.92 17.16
C GLU A 88 -12.21 -8.44 16.86
N VAL A 89 -11.27 -7.84 16.11
CA VAL A 89 -11.39 -6.44 15.69
C VAL A 89 -11.21 -6.33 14.18
N GLN A 90 -11.68 -5.25 13.62
CA GLN A 90 -11.43 -5.02 12.18
C GLN A 90 -10.06 -4.39 12.02
N VAL A 91 -9.28 -4.96 11.10
CA VAL A 91 -7.98 -4.34 10.72
C VAL A 91 -8.27 -3.31 9.65
N LEU A 92 -8.20 -2.04 10.01
CA LEU A 92 -8.55 -0.96 9.09
C LEU A 92 -7.43 -0.69 8.11
N GLU A 93 -6.19 -0.75 8.58
CA GLU A 93 -5.01 -0.42 7.76
C GLU A 93 -3.84 -1.20 8.30
N VAL A 94 -2.88 -1.44 7.40
CA VAL A 94 -1.55 -2.02 7.76
C VAL A 94 -0.52 -1.18 7.06
N ILE A 95 0.49 -0.70 7.78
CA ILE A 95 1.64 -0.03 7.13
C ILE A 95 2.86 -0.87 7.48
N ASP A 96 3.57 -1.43 6.52
CA ASP A 96 4.60 -2.44 6.87
C ASP A 96 5.65 -2.56 5.77
N HIS A 97 6.72 -3.29 6.09
CA HIS A 97 7.83 -3.48 5.17
C HIS A 97 8.31 -4.93 5.15
N HIS A 98 7.42 -5.88 5.50
CA HIS A 98 7.77 -7.30 5.57
C HIS A 98 7.00 -8.12 4.58
N ARG A 99 7.38 -9.38 4.45
CA ARG A 99 6.53 -10.33 3.68
C ARG A 99 5.15 -10.40 4.33
N ILE A 100 4.16 -10.86 3.54
CA ILE A 100 2.81 -11.06 4.06
C ILE A 100 2.58 -12.53 4.32
N ALA A 101 2.14 -12.84 5.54
CA ALA A 101 1.86 -14.23 5.87
C ALA A 101 0.97 -14.30 7.07
N ASN A 102 0.27 -15.42 7.26
CA ASN A 102 -0.53 -15.57 8.48
C ASN A 102 -1.44 -14.38 8.73
N PHE A 103 -2.08 -13.93 7.66
CA PHE A 103 -2.85 -12.68 7.70
C PHE A 103 -3.95 -12.76 6.69
N GLU A 104 -5.19 -12.57 7.12
CA GLU A 104 -6.31 -12.46 6.20
C GLU A 104 -7.31 -11.48 6.79
N THR A 105 -8.12 -10.90 5.93
CA THR A 105 -9.19 -10.03 6.41
C THR A 105 -10.51 -10.49 5.77
N ALA A 106 -11.63 -10.17 6.44
CA ALA A 106 -12.93 -10.41 5.84
C ALA A 106 -13.31 -9.29 4.87
N GLU A 107 -12.84 -8.05 5.12
CA GLU A 107 -13.23 -6.87 4.34
C GLU A 107 -12.00 -6.20 3.73
N PRO A 108 -12.23 -5.37 2.74
CA PRO A 108 -11.16 -4.51 2.22
C PRO A 108 -10.53 -3.62 3.29
N LEU A 109 -9.33 -3.11 2.97
CA LEU A 109 -8.60 -2.28 3.93
C LEU A 109 -7.57 -1.45 3.17
N TYR A 110 -6.94 -0.50 3.87
CA TYR A 110 -5.77 0.20 3.36
C TYR A 110 -4.52 -0.59 3.75
N TYR A 111 -3.94 -1.36 2.84
CA TYR A 111 -2.73 -2.15 3.10
C TYR A 111 -1.61 -1.51 2.29
N ARG A 112 -0.59 -1.00 3.01
CA ARG A 112 0.53 -0.35 2.34
C ARG A 112 1.80 -1.03 2.83
N ALA A 113 2.36 -1.92 2.03
CA ALA A 113 3.71 -2.48 2.28
C ALA A 113 4.62 -1.99 1.18
N GLU A 114 5.84 -1.61 1.55
CA GLU A 114 6.84 -1.23 0.56
C GLU A 114 8.11 -2.00 0.94
N PRO A 115 8.90 -2.41 -0.06
CA PRO A 115 10.12 -3.21 0.19
C PRO A 115 11.31 -2.34 0.55
N VAL A 116 11.14 -1.64 1.67
CA VAL A 116 12.16 -0.80 2.26
C VAL A 116 12.58 -1.36 3.63
N GLY A 117 13.57 -0.71 4.25
CA GLY A 117 14.11 -1.29 5.46
C GLY A 117 13.44 -0.88 6.75
N CYS A 118 12.42 -0.01 6.71
CA CYS A 118 11.83 0.48 7.97
C CYS A 118 10.46 1.05 7.71
N THR A 119 9.52 0.85 8.64
CA THR A 119 8.16 1.41 8.44
C THR A 119 8.19 2.93 8.40
N ALA A 120 9.12 3.52 9.15
CA ALA A 120 9.13 4.99 9.26
C ALA A 120 9.48 5.66 7.91
N THR A 121 10.19 4.97 7.02
CA THR A 121 10.48 5.48 5.68
C THR A 121 9.19 5.64 4.90
N ILE A 122 8.28 4.70 5.05
CA ILE A 122 6.96 4.76 4.44
C ILE A 122 6.15 5.90 5.04
N LEU A 123 6.16 6.02 6.37
CA LEU A 123 5.38 7.08 7.02
C LEU A 123 5.89 8.47 6.60
N ASN A 124 7.19 8.60 6.37
CA ASN A 124 7.78 9.86 5.91
C ASN A 124 7.10 10.26 4.59
N LYS A 125 6.96 9.31 3.65
N LYS A 125 6.96 9.30 3.66
CA LYS A 125 6.22 9.59 2.41
CA LYS A 125 6.22 9.55 2.41
C LYS A 125 4.79 9.98 2.69
C LYS A 125 4.80 9.99 2.70
N MET A 126 4.15 9.33 3.65
CA MET A 126 2.73 9.61 3.97
C MET A 126 2.52 11.02 4.54
N TYR A 127 3.43 11.50 5.38
CA TYR A 127 3.37 12.91 5.80
C TYR A 127 3.37 13.85 4.59
N LYS A 128 4.28 13.61 3.67
CA LYS A 128 4.47 14.50 2.52
C LYS A 128 3.28 14.40 1.59
N GLU A 129 2.72 13.20 1.37
CA GLU A 129 1.52 12.97 0.53
C GLU A 129 0.31 13.75 1.10
N ASN A 130 0.28 13.90 2.41
CA ASN A 130 -0.83 14.58 3.06
C ASN A 130 -0.56 16.04 3.39
N ASN A 131 0.61 16.56 2.98
CA ASN A 131 1.04 17.93 3.32
C ASN A 131 0.98 18.28 4.81
N VAL A 132 1.40 17.34 5.67
CA VAL A 132 1.39 17.54 7.10
C VAL A 132 2.82 17.67 7.56
N LYS A 133 3.14 18.73 8.28
CA LYS A 133 4.49 18.98 8.77
C LYS A 133 4.83 17.91 9.83
N ILE A 134 6.04 17.38 9.75
CA ILE A 134 6.55 16.49 10.78
C ILE A 134 7.18 17.33 11.88
N GLU A 135 6.64 17.27 13.09
CA GLU A 135 7.21 18.02 14.19
C GLU A 135 8.58 17.46 14.54
N LYS A 136 9.47 18.30 15.05
CA LYS A 136 10.84 17.93 15.43
C LYS A 136 10.97 16.61 16.20
N GLU A 137 10.12 16.44 17.20
N GLU A 137 10.17 16.42 17.24
CA GLU A 137 10.16 15.29 18.09
CA GLU A 137 10.33 15.20 18.04
C GLU A 137 9.74 14.01 17.36
C GLU A 137 9.77 13.96 17.33
N ILE A 138 8.73 14.14 16.51
CA ILE A 138 8.24 13.01 15.72
C ILE A 138 9.29 12.62 14.68
N ALA A 139 9.96 13.60 14.08
CA ALA A 139 11.03 13.29 13.14
C ALA A 139 12.13 12.55 13.84
N GLY A 140 12.43 12.94 15.09
CA GLY A 140 13.41 12.24 15.87
C GLY A 140 13.07 10.78 16.11
N LEU A 141 11.80 10.50 16.44
CA LEU A 141 11.38 9.11 16.58
C LEU A 141 11.44 8.34 15.25
N MET A 142 11.05 9.00 14.16
CA MET A 142 11.12 8.33 12.87
C MET A 142 12.57 8.00 12.49
N LEU A 143 13.46 8.96 12.72
CA LEU A 143 14.89 8.72 12.48
C LEU A 143 15.38 7.56 13.33
N SER A 144 14.95 7.52 14.60
CA SER A 144 15.37 6.47 15.52
C SER A 144 14.97 5.09 14.97
N ALA A 145 13.75 5.01 14.45
CA ALA A 145 13.26 3.77 13.83
C ALA A 145 14.14 3.32 12.65
N ILE A 146 14.52 4.24 11.77
CA ILE A 146 15.34 3.88 10.64
C ILE A 146 16.72 3.45 11.08
N ILE A 147 17.33 4.17 12.04
N ILE A 147 17.33 4.15 12.04
CA ILE A 147 18.65 3.75 12.53
CA ILE A 147 18.65 3.75 12.54
C ILE A 147 18.58 2.36 13.15
C ILE A 147 18.59 2.36 13.15
N SER A 148 17.54 2.11 13.93
CA SER A 148 17.37 0.84 14.57
C SER A 148 17.21 -0.32 13.58
N ASP A 149 16.27 -0.17 12.64
CA ASP A 149 16.05 -1.26 11.69
C ASP A 149 17.20 -1.46 10.73
N SER A 150 17.87 -0.37 10.38
CA SER A 150 18.99 -0.46 9.42
C SER A 150 20.31 -0.76 10.09
N LEU A 151 20.36 -0.79 11.44
CA LEU A 151 21.65 -0.97 12.16
C LEU A 151 22.62 0.11 11.69
N LEU A 152 22.22 1.36 11.76
CA LEU A 152 23.06 2.47 11.30
C LEU A 152 23.49 2.26 9.84
N PHE A 153 22.52 1.89 9.00
CA PHE A 153 22.69 1.76 7.54
C PHE A 153 23.59 0.60 7.14
N LYS A 154 23.74 -0.38 8.03
CA LYS A 154 24.60 -1.55 7.76
C LYS A 154 23.83 -2.80 7.34
N SER A 155 22.53 -2.83 7.63
N SER A 155 22.52 -2.83 7.63
CA SER A 155 21.73 -4.02 7.38
CA SER A 155 21.68 -4.00 7.37
C SER A 155 21.51 -4.28 5.90
C SER A 155 21.51 -4.28 5.89
N PRO A 156 21.54 -5.54 5.48
CA PRO A 156 21.20 -5.87 4.08
C PRO A 156 19.81 -5.41 3.61
N THR A 157 18.88 -5.17 4.55
CA THR A 157 17.56 -4.68 4.22
C THR A 157 17.50 -3.15 3.95
N CYS A 158 18.55 -2.43 4.33
CA CYS A 158 18.55 -0.98 4.18
C CYS A 158 18.58 -0.64 2.69
N THR A 159 17.74 0.32 2.27
CA THR A 159 17.71 0.86 0.92
C THR A 159 18.12 2.31 0.85
N ASP A 160 18.35 2.80 -0.37
CA ASP A 160 18.59 4.21 -0.57
C ASP A 160 17.41 5.07 -0.07
N GLN A 161 16.17 4.53 -0.14
CA GLN A 161 15.03 5.29 0.38
C GLN A 161 15.15 5.51 1.87
N ASP A 162 15.64 4.52 2.58
CA ASP A 162 15.83 4.62 4.05
C ASP A 162 16.91 5.62 4.40
N VAL A 163 18.05 5.53 3.69
CA VAL A 163 19.20 6.43 3.94
C VAL A 163 18.79 7.88 3.71
N ALA A 164 18.07 8.13 2.63
CA ALA A 164 17.64 9.48 2.31
C ALA A 164 16.66 10.01 3.33
N ALA A 165 15.71 9.15 3.71
CA ALA A 165 14.73 9.57 4.74
C ALA A 165 15.44 9.89 6.05
N ALA A 166 16.42 9.09 6.43
CA ALA A 166 17.15 9.36 7.67
C ALA A 166 17.82 10.73 7.63
N LYS A 167 18.48 11.08 6.52
CA LYS A 167 19.10 12.40 6.47
C LYS A 167 18.06 13.53 6.64
N GLU A 168 16.95 13.42 5.93
CA GLU A 168 15.86 14.39 6.04
C GLU A 168 15.33 14.52 7.46
N LEU A 169 15.08 13.37 8.07
CA LEU A 169 14.47 13.40 9.39
C LEU A 169 15.44 13.91 10.42
N ALA A 170 16.74 13.63 10.24
CA ALA A 170 17.73 14.13 11.21
C ALA A 170 17.80 15.66 11.16
N GLU A 171 17.64 16.21 9.95
CA GLU A 171 17.70 17.67 9.82
C GLU A 171 16.49 18.28 10.54
N ILE A 172 15.32 17.66 10.39
CA ILE A 172 14.09 18.20 10.99
C ILE A 172 14.21 18.04 12.51
N ALA A 173 14.78 16.94 12.96
CA ALA A 173 14.93 16.64 14.39
C ALA A 173 16.02 17.47 15.07
N GLY A 174 16.92 18.05 14.27
CA GLY A 174 18.02 18.82 14.79
C GLY A 174 19.17 17.99 15.34
N VAL A 175 19.41 16.80 14.77
CA VAL A 175 20.53 15.99 15.23
C VAL A 175 21.37 15.57 14.05
N ASP A 176 22.54 15.06 14.35
CA ASP A 176 23.34 14.40 13.34
C ASP A 176 22.95 12.94 13.41
N ALA A 177 22.53 12.38 12.27
CA ALA A 177 22.03 11.00 12.25
C ALA A 177 23.03 10.01 12.81
N GLU A 178 24.28 10.09 12.38
N GLU A 178 24.28 10.10 12.37
CA GLU A 178 25.26 9.13 12.81
CA GLU A 178 25.28 9.14 12.80
C GLU A 178 25.66 9.26 14.28
C GLU A 178 25.65 9.26 14.27
N GLU A 179 25.83 10.50 14.74
CA GLU A 179 26.22 10.74 16.09
C GLU A 179 25.09 10.36 17.09
N TYR A 180 23.88 10.82 16.79
CA TYR A 180 22.72 10.42 17.58
C TYR A 180 22.52 8.90 17.52
N GLY A 181 22.61 8.34 16.31
CA GLY A 181 22.37 6.93 16.17
C GLY A 181 23.31 6.03 16.90
N LEU A 182 24.61 6.39 16.93
CA LEU A 182 25.51 5.59 17.74
C LEU A 182 25.14 5.58 19.19
N ASN A 183 24.72 6.74 19.73
CA ASN A 183 24.36 6.77 21.14
C ASN A 183 23.09 5.96 21.39
N MET A 184 22.13 6.04 20.46
CA MET A 184 20.89 5.28 20.63
C MET A 184 21.13 3.78 20.57
N LEU A 185 21.97 3.35 19.63
CA LEU A 185 22.26 1.93 19.49
C LEU A 185 23.01 1.40 20.72
N LYS A 186 23.93 2.21 21.26
CA LYS A 186 24.72 1.83 22.43
C LYS A 186 23.83 1.63 23.66
N ALA A 187 22.73 2.39 23.71
CA ALA A 187 21.81 2.33 24.81
C ALA A 187 21.04 1.01 24.84
N GLY A 188 20.96 0.32 23.71
CA GLY A 188 20.32 -0.98 23.68
C GLY A 188 21.27 -2.12 23.91
N GLU B 2 14.19 -9.42 -15.54
CA GLU B 2 13.89 -8.01 -15.93
C GLU B 2 12.56 -7.71 -16.64
N LYS B 3 12.09 -8.55 -17.59
CA LYS B 3 10.68 -8.44 -18.01
C LYS B 3 9.75 -8.98 -16.93
N ILE B 4 8.64 -8.28 -16.68
CA ILE B 4 7.61 -8.76 -15.77
C ILE B 4 6.27 -8.79 -16.48
N LEU B 5 5.39 -9.68 -16.01
CA LEU B 5 4.01 -9.70 -16.51
C LEU B 5 3.11 -9.07 -15.46
N ILE B 6 2.08 -8.36 -15.93
CA ILE B 6 1.08 -7.75 -15.06
C ILE B 6 -0.27 -8.31 -15.45
N PHE B 7 -1.04 -8.83 -14.49
CA PHE B 7 -2.35 -9.40 -14.84
C PHE B 7 -3.29 -9.30 -13.68
N GLY B 8 -4.58 -9.33 -14.05
CA GLY B 8 -5.65 -9.50 -13.10
C GLY B 8 -6.12 -10.93 -13.00
N HIS B 9 -7.34 -11.09 -12.52
CA HIS B 9 -7.82 -12.40 -12.14
C HIS B 9 -8.32 -13.24 -13.28
N GLN B 10 -8.49 -14.54 -13.03
CA GLN B 10 -9.27 -15.43 -13.91
C GLN B 10 -10.67 -14.90 -14.07
N ASN B 11 -11.36 -15.32 -15.12
CA ASN B 11 -12.69 -14.77 -15.45
C ASN B 11 -12.66 -13.20 -15.47
N PRO B 12 -11.83 -12.67 -16.34
CA PRO B 12 -11.50 -11.25 -16.24
C PRO B 12 -12.70 -10.37 -16.39
N ASP B 13 -12.70 -9.30 -15.61
CA ASP B 13 -13.64 -8.20 -15.82
C ASP B 13 -12.91 -6.96 -16.33
N THR B 14 -13.67 -5.91 -16.63
CA THR B 14 -13.07 -4.71 -17.19
C THR B 14 -11.96 -4.11 -16.33
N ASP B 15 -12.15 -4.07 -15.02
CA ASP B 15 -11.08 -3.55 -14.15
C ASP B 15 -9.81 -4.41 -14.28
N THR B 16 -9.97 -5.72 -14.28
CA THR B 16 -8.81 -6.59 -14.37
C THR B 16 -8.06 -6.48 -15.69
N ILE B 17 -8.76 -6.22 -16.80
CA ILE B 17 -8.06 -6.02 -18.09
C ILE B 17 -7.49 -4.62 -18.17
N CYS B 18 -8.32 -3.62 -17.87
CA CYS B 18 -7.86 -2.22 -18.05
C CYS B 18 -6.79 -1.81 -17.06
N SER B 19 -6.88 -2.30 -15.81
CA SER B 19 -5.84 -1.94 -14.85
C SER B 19 -4.51 -2.64 -15.16
N ALA B 20 -4.53 -3.82 -15.78
CA ALA B 20 -3.29 -4.43 -16.23
C ALA B 20 -2.64 -3.59 -17.32
N ILE B 21 -3.44 -3.15 -18.30
CA ILE B 21 -2.90 -2.32 -19.38
C ILE B 21 -2.37 -1.00 -18.82
N ALA B 22 -3.16 -0.35 -17.96
CA ALA B 22 -2.77 0.96 -17.42
C ALA B 22 -1.52 0.82 -16.58
N TYR B 23 -1.44 -0.17 -15.67
CA TYR B 23 -0.24 -0.24 -14.83
C TYR B 23 0.99 -0.58 -15.67
N ALA B 24 0.83 -1.43 -16.69
CA ALA B 24 1.98 -1.64 -17.60
C ALA B 24 2.42 -0.35 -18.29
N ASP B 25 1.47 0.48 -18.70
CA ASP B 25 1.83 1.76 -19.31
C ASP B 25 2.63 2.58 -18.29
N LEU B 26 2.15 2.70 -17.04
CA LEU B 26 2.85 3.51 -16.04
C LEU B 26 4.28 2.96 -15.84
N LYS B 27 4.40 1.64 -15.67
N LYS B 27 4.42 1.64 -15.68
CA LYS B 27 5.72 1.01 -15.51
CA LYS B 27 5.76 1.09 -15.48
C LYS B 27 6.64 1.29 -16.68
C LYS B 27 6.66 1.33 -16.69
N ASN B 28 6.12 1.17 -17.90
CA ASN B 28 6.94 1.36 -19.10
C ASN B 28 7.31 2.84 -19.32
N LYS B 29 6.41 3.75 -18.98
N LYS B 29 6.39 3.75 -19.01
CA LYS B 29 6.70 5.21 -19.09
CA LYS B 29 6.71 5.19 -19.11
C LYS B 29 7.72 5.65 -18.06
C LYS B 29 7.87 5.52 -18.18
N LEU B 30 7.94 4.84 -17.03
CA LEU B 30 8.99 5.08 -16.04
C LEU B 30 10.26 4.32 -16.34
N GLY B 31 10.35 3.63 -17.49
CA GLY B 31 11.61 2.99 -17.85
C GLY B 31 11.71 1.50 -17.51
N PHE B 32 10.60 0.87 -17.07
CA PHE B 32 10.68 -0.57 -16.73
C PHE B 32 10.27 -1.43 -17.94
N ASN B 33 10.03 -2.71 -17.72
CA ASN B 33 9.80 -3.64 -18.84
C ASN B 33 8.64 -4.55 -18.48
N ALA B 34 7.43 -4.08 -18.76
CA ALA B 34 6.21 -4.79 -18.30
C ALA B 34 5.33 -5.12 -19.47
N GLU B 35 4.72 -6.28 -19.46
CA GLU B 35 3.71 -6.60 -20.46
C GLU B 35 2.40 -6.92 -19.73
N PRO B 36 1.29 -6.28 -20.09
CA PRO B 36 0.00 -6.66 -19.49
C PRO B 36 -0.52 -7.91 -20.19
N VAL B 37 -0.99 -8.88 -19.41
CA VAL B 37 -1.54 -10.09 -19.98
C VAL B 37 -2.89 -10.39 -19.30
N ARG B 38 -3.58 -11.42 -19.78
CA ARG B 38 -4.90 -11.78 -19.23
C ARG B 38 -4.96 -13.28 -19.07
N LEU B 39 -5.88 -13.69 -18.20
CA LEU B 39 -6.02 -15.09 -17.76
C LEU B 39 -7.23 -15.79 -18.35
N GLY B 40 -8.08 -15.06 -19.06
CA GLY B 40 -9.25 -15.65 -19.69
C GLY B 40 -9.82 -14.71 -20.70
N GLN B 41 -10.95 -15.11 -21.25
CA GLN B 41 -11.60 -14.40 -22.35
C GLN B 41 -12.11 -13.01 -21.95
N VAL B 42 -11.94 -12.06 -22.85
CA VAL B 42 -12.43 -10.68 -22.67
C VAL B 42 -13.96 -10.69 -22.89
N ASN B 43 -14.74 -10.15 -21.97
CA ASN B 43 -16.19 -10.10 -22.12
C ASN B 43 -16.62 -8.96 -23.01
N GLY B 44 -17.92 -8.89 -23.32
CA GLY B 44 -18.38 -7.89 -24.27
C GLY B 44 -18.31 -6.44 -23.78
N GLU B 45 -18.46 -6.25 -22.47
CA GLU B 45 -18.29 -4.95 -21.88
C GLU B 45 -16.84 -4.46 -22.05
N THR B 46 -15.88 -5.31 -21.69
CA THR B 46 -14.48 -4.93 -21.84
C THR B 46 -14.10 -4.75 -23.31
N GLN B 47 -14.65 -5.60 -24.19
CA GLN B 47 -14.32 -5.44 -25.60
C GLN B 47 -14.81 -4.10 -26.14
N TYR B 48 -15.98 -3.62 -25.64
CA TYR B 48 -16.45 -2.30 -26.09
C TYR B 48 -15.43 -1.23 -25.72
N ALA B 49 -14.91 -1.32 -24.49
CA ALA B 49 -13.89 -0.35 -24.01
C ALA B 49 -12.61 -0.38 -24.84
N LEU B 50 -12.10 -1.59 -25.06
CA LEU B 50 -10.91 -1.74 -25.90
C LEU B 50 -11.11 -1.20 -27.29
N ASP B 51 -12.25 -1.54 -27.87
CA ASP B 51 -12.49 -1.08 -29.25
C ASP B 51 -12.64 0.44 -29.28
N TYR B 52 -13.38 0.98 -28.30
CA TYR B 52 -13.64 2.42 -28.29
C TYR B 52 -12.35 3.23 -28.19
N PHE B 53 -11.46 2.77 -27.30
CA PHE B 53 -10.22 3.49 -27.09
C PHE B 53 -9.03 2.93 -27.89
N LYS B 54 -9.34 2.06 -28.86
CA LYS B 54 -8.36 1.60 -29.87
C LYS B 54 -7.16 0.90 -29.23
N GLN B 55 -7.46 0.06 -28.25
CA GLN B 55 -6.42 -0.62 -27.46
C GLN B 55 -6.51 -2.10 -27.76
N GLU B 56 -5.35 -2.74 -27.90
CA GLU B 56 -5.32 -4.17 -28.10
C GLU B 56 -5.67 -4.96 -26.84
N SER B 57 -6.28 -6.12 -27.07
N SER B 57 -6.29 -6.11 -27.05
CA SER B 57 -6.47 -7.08 -25.98
CA SER B 57 -6.54 -6.99 -25.93
C SER B 57 -5.11 -7.53 -25.48
C SER B 57 -5.23 -7.63 -25.48
N PRO B 58 -4.96 -7.62 -24.17
CA PRO B 58 -3.72 -8.23 -23.63
C PRO B 58 -3.56 -9.66 -24.13
N ARG B 59 -2.32 -10.08 -24.33
CA ARG B 59 -2.04 -11.46 -24.66
C ARG B 59 -2.58 -12.42 -23.57
N LEU B 60 -3.20 -13.52 -23.99
CA LEU B 60 -3.69 -14.55 -23.06
C LEU B 60 -2.58 -15.49 -22.64
N VAL B 61 -2.42 -15.73 -21.34
CA VAL B 61 -1.48 -16.74 -20.85
C VAL B 61 -2.19 -17.70 -19.91
N GLU B 62 -1.67 -18.91 -19.86
CA GLU B 62 -2.10 -19.89 -18.85
C GLU B 62 -1.13 -20.05 -17.70
N THR B 63 0.16 -19.80 -17.94
CA THR B 63 1.21 -19.93 -16.92
C THR B 63 2.18 -18.76 -17.09
N ALA B 64 2.93 -18.47 -16.01
CA ALA B 64 3.90 -17.38 -16.03
C ALA B 64 5.35 -17.89 -15.93
N ALA B 65 5.60 -19.01 -15.24
CA ALA B 65 6.99 -19.39 -14.90
C ALA B 65 7.83 -19.76 -16.12
N ASN B 66 7.18 -20.20 -17.18
CA ASN B 66 7.86 -20.48 -18.45
C ASN B 66 8.32 -19.19 -19.15
N GLU B 67 7.85 -18.02 -18.68
CA GLU B 67 8.11 -16.74 -19.34
C GLU B 67 8.99 -15.82 -18.51
N VAL B 68 8.70 -15.71 -17.22
CA VAL B 68 9.32 -14.69 -16.35
C VAL B 68 9.58 -15.25 -14.97
N ASN B 69 10.36 -14.52 -14.18
CA ASN B 69 10.52 -14.84 -12.76
C ASN B 69 9.54 -14.08 -11.86
N GLY B 70 9.15 -12.85 -12.25
CA GLY B 70 8.35 -12.01 -11.37
C GLY B 70 7.12 -11.45 -12.09
N VAL B 71 6.07 -11.27 -11.29
CA VAL B 71 4.80 -10.77 -11.77
C VAL B 71 4.26 -9.68 -10.88
N ILE B 72 3.31 -8.93 -11.40
CA ILE B 72 2.53 -7.98 -10.60
C ILE B 72 1.06 -8.36 -10.77
N LEU B 73 0.37 -8.42 -9.62
CA LEU B 73 -1.07 -8.69 -9.63
C LEU B 73 -1.85 -7.40 -9.52
N VAL B 74 -2.86 -7.21 -10.37
CA VAL B 74 -3.80 -6.11 -10.22
C VAL B 74 -5.18 -6.69 -9.93
N ASP B 75 -5.96 -6.00 -9.09
CA ASP B 75 -7.37 -6.34 -8.91
C ASP B 75 -7.64 -7.69 -8.29
N HIS B 76 -6.61 -8.32 -7.70
CA HIS B 76 -6.84 -9.55 -6.96
C HIS B 76 -5.59 -9.83 -6.15
N ASN B 77 -5.75 -10.74 -5.21
CA ASN B 77 -4.61 -11.31 -4.47
C ASN B 77 -4.80 -12.82 -4.22
N GLU B 78 -6.05 -13.28 -4.06
CA GLU B 78 -6.25 -14.69 -3.63
C GLU B 78 -5.72 -15.66 -4.67
N ARG B 79 -5.01 -16.71 -4.20
CA ARG B 79 -4.32 -17.58 -5.17
C ARG B 79 -5.27 -18.25 -6.16
N GLN B 80 -6.47 -18.63 -5.70
CA GLN B 80 -7.40 -19.35 -6.55
C GLN B 80 -7.97 -18.48 -7.68
N GLN B 81 -7.87 -17.15 -7.51
CA GLN B 81 -8.26 -16.19 -8.55
C GLN B 81 -7.15 -15.89 -9.53
N SER B 82 -5.93 -16.34 -9.23
CA SER B 82 -4.74 -15.90 -9.94
C SER B 82 -4.29 -16.92 -10.97
N ILE B 83 -3.10 -16.73 -11.53
CA ILE B 83 -2.62 -17.66 -12.55
C ILE B 83 -2.33 -19.03 -11.98
N LYS B 84 -2.49 -20.08 -12.80
CA LYS B 84 -2.47 -21.41 -12.21
C LYS B 84 -1.13 -21.76 -11.58
N ASP B 85 -0.02 -21.23 -12.08
CA ASP B 85 1.30 -21.48 -11.51
C ASP B 85 1.86 -20.33 -10.68
N ILE B 86 0.95 -19.58 -10.03
CA ILE B 86 1.38 -18.43 -9.23
C ILE B 86 2.43 -18.77 -8.15
N GLU B 87 2.38 -20.02 -7.66
CA GLU B 87 3.38 -20.42 -6.64
C GLU B 87 4.82 -20.58 -7.19
N GLU B 88 4.94 -20.60 -8.51
N GLU B 88 4.94 -20.63 -8.51
CA GLU B 88 6.24 -20.79 -9.16
CA GLU B 88 6.23 -20.81 -9.18
C GLU B 88 6.91 -19.50 -9.61
C GLU B 88 6.92 -19.51 -9.60
N VAL B 89 6.27 -18.36 -9.33
CA VAL B 89 6.90 -17.07 -9.62
C VAL B 89 6.85 -16.17 -8.39
N GLN B 90 7.62 -15.09 -8.42
CA GLN B 90 7.63 -14.16 -7.30
C GLN B 90 6.61 -13.07 -7.58
N VAL B 91 5.73 -12.79 -6.61
CA VAL B 91 4.84 -11.64 -6.68
C VAL B 91 5.57 -10.42 -6.22
N LEU B 92 5.91 -9.54 -7.16
CA LEU B 92 6.67 -8.34 -6.87
C LEU B 92 5.80 -7.22 -6.28
N GLU B 93 4.57 -7.07 -6.80
CA GLU B 93 3.68 -6.04 -6.33
C GLU B 93 2.25 -6.55 -6.48
N VAL B 94 1.37 -5.95 -5.68
CA VAL B 94 -0.06 -6.17 -5.81
C VAL B 94 -0.72 -4.79 -5.71
N ILE B 95 -1.63 -4.46 -6.64
CA ILE B 95 -2.43 -3.23 -6.55
C ILE B 95 -3.88 -3.70 -6.54
N ASP B 96 -4.65 -3.45 -5.47
CA ASP B 96 -5.95 -4.11 -5.33
C ASP B 96 -6.89 -3.35 -4.42
N HIS B 97 -8.15 -3.75 -4.39
CA HIS B 97 -9.17 -3.08 -3.59
C HIS B 97 -10.07 -4.10 -2.88
N HIS B 98 -9.56 -5.33 -2.68
CA HIS B 98 -10.35 -6.38 -2.05
C HIS B 98 -9.78 -6.80 -0.71
N ARG B 99 -10.52 -7.61 0.02
N ARG B 99 -10.52 -7.60 0.02
CA ARG B 99 -9.99 -8.28 1.22
CA ARG B 99 -9.98 -8.24 1.22
C ARG B 99 -8.78 -9.15 0.87
C ARG B 99 -8.74 -9.09 0.86
N ILE B 100 -7.91 -9.38 1.86
CA ILE B 100 -6.72 -10.21 1.61
C ILE B 100 -6.96 -11.60 2.18
N ALA B 101 -6.76 -12.62 1.34
CA ALA B 101 -6.91 -13.98 1.84
C ALA B 101 -6.21 -14.91 0.88
N ASN B 102 -5.87 -16.11 1.33
CA ASN B 102 -5.27 -17.11 0.43
C ASN B 102 -4.06 -16.53 -0.32
N PHE B 103 -3.22 -15.79 0.43
CA PHE B 103 -2.13 -15.03 -0.19
C PHE B 103 -1.01 -14.88 0.79
N GLU B 104 0.17 -15.32 0.42
CA GLU B 104 1.37 -15.13 1.25
C GLU B 104 2.55 -14.93 0.35
N THR B 105 3.58 -14.24 0.84
CA THR B 105 4.81 -14.10 0.10
C THR B 105 5.98 -14.55 0.96
N ALA B 106 7.04 -15.00 0.31
CA ALA B 106 8.28 -15.33 0.99
C ALA B 106 9.09 -14.09 1.30
N GLU B 107 8.99 -13.06 0.47
CA GLU B 107 9.82 -11.86 0.56
C GLU B 107 8.94 -10.61 0.68
N PRO B 108 9.52 -9.49 1.11
CA PRO B 108 8.78 -8.22 1.07
C PRO B 108 8.38 -7.89 -0.36
N LEU B 109 7.40 -7.02 -0.45
CA LEU B 109 6.87 -6.60 -1.77
C LEU B 109 6.25 -5.20 -1.66
N TYR B 110 5.84 -4.68 -2.82
CA TYR B 110 5.03 -3.45 -2.84
C TYR B 110 3.57 -3.88 -2.86
N TYR B 111 2.87 -3.78 -1.73
CA TYR B 111 1.46 -4.19 -1.69
C TYR B 111 0.65 -2.96 -1.43
N ARG B 112 -0.22 -2.61 -2.39
CA ARG B 112 -1.04 -1.44 -2.23
C ARG B 112 -2.50 -1.79 -2.42
N ALA B 113 -3.21 -1.87 -1.30
CA ALA B 113 -4.65 -2.01 -1.36
C ALA B 113 -5.28 -0.80 -0.73
N GLU B 114 -6.34 -0.30 -1.34
CA GLU B 114 -7.09 0.78 -0.77
C GLU B 114 -8.55 0.41 -0.79
N PRO B 115 -9.32 0.86 0.18
CA PRO B 115 -10.74 0.48 0.31
C PRO B 115 -11.64 1.35 -0.58
N VAL B 116 -11.39 1.28 -1.87
CA VAL B 116 -12.12 2.02 -2.88
C VAL B 116 -12.83 1.03 -3.76
N GLY B 117 -13.61 1.52 -4.72
CA GLY B 117 -14.44 0.65 -5.51
C GLY B 117 -13.79 0.06 -6.71
N CYS B 118 -12.57 0.46 -7.07
CA CYS B 118 -11.97 0.04 -8.32
C CYS B 118 -10.44 0.15 -8.30
N THR B 119 -9.71 -0.80 -8.90
CA THR B 119 -8.26 -0.71 -8.93
C THR B 119 -7.82 0.55 -9.64
N ALA B 120 -8.55 0.94 -10.71
CA ALA B 120 -8.11 2.06 -11.55
C ALA B 120 -8.12 3.40 -10.80
N THR B 121 -8.91 3.49 -9.74
CA THR B 121 -8.90 4.66 -8.84
C THR B 121 -7.54 4.78 -8.18
N ILE B 122 -6.98 3.64 -7.79
CA ILE B 122 -5.63 3.63 -7.13
C ILE B 122 -4.57 3.94 -8.20
N LEU B 123 -4.71 3.37 -9.42
CA LEU B 123 -3.70 3.65 -10.42
C LEU B 123 -3.71 5.15 -10.81
N ASN B 124 -4.89 5.80 -10.77
CA ASN B 124 -4.96 7.22 -11.05
C ASN B 124 -4.08 7.99 -10.09
N LYS B 125 -4.18 7.61 -8.81
N LYS B 125 -4.14 7.63 -8.79
CA LYS B 125 -3.33 8.19 -7.77
CA LYS B 125 -3.24 8.24 -7.79
C LYS B 125 -1.84 7.98 -8.07
C LYS B 125 -1.78 8.00 -8.14
N MET B 126 -1.47 6.78 -8.54
CA MET B 126 -0.09 6.42 -8.78
C MET B 126 0.47 7.16 -10.00
N TYR B 127 -0.33 7.41 -11.07
CA TYR B 127 0.16 8.24 -12.15
C TYR B 127 0.53 9.62 -11.61
N LYS B 128 -0.29 10.19 -10.75
CA LYS B 128 -0.06 11.53 -10.27
C LYS B 128 1.17 11.54 -9.33
N GLU B 129 1.34 10.50 -8.50
CA GLU B 129 2.48 10.44 -7.60
C GLU B 129 3.80 10.38 -8.34
N ASN B 130 3.76 9.83 -9.56
CA ASN B 130 4.94 9.66 -10.36
C ASN B 130 5.12 10.71 -11.45
N ASN B 131 4.19 11.67 -11.48
CA ASN B 131 4.26 12.78 -12.42
C ASN B 131 4.32 12.26 -13.85
N VAL B 132 3.43 11.29 -14.16
CA VAL B 132 3.32 10.74 -15.51
C VAL B 132 1.97 11.13 -16.08
N LYS B 133 1.97 11.80 -17.23
CA LYS B 133 0.72 12.18 -17.91
C LYS B 133 -0.07 10.93 -18.29
N ILE B 134 -1.38 10.99 -18.05
CA ILE B 134 -2.26 9.87 -18.50
C ILE B 134 -2.74 10.17 -19.92
N GLU B 135 -2.36 9.33 -20.88
CA GLU B 135 -2.80 9.52 -22.25
C GLU B 135 -4.30 9.33 -22.37
N LYS B 136 -4.93 9.99 -23.34
CA LYS B 136 -6.36 9.93 -23.56
C LYS B 136 -6.92 8.51 -23.55
N GLU B 137 -6.31 7.61 -24.30
N GLU B 137 -6.27 7.62 -24.27
CA GLU B 137 -6.87 6.25 -24.38
CA GLU B 137 -6.76 6.25 -24.41
C GLU B 137 -6.69 5.44 -23.09
C GLU B 137 -6.68 5.47 -23.11
N ILE B 138 -5.59 5.64 -22.38
CA ILE B 138 -5.39 5.02 -21.07
C ILE B 138 -6.45 5.53 -20.07
N ALA B 139 -6.69 6.85 -20.09
CA ALA B 139 -7.74 7.42 -19.26
C ALA B 139 -9.08 6.79 -19.62
N GLY B 140 -9.34 6.56 -20.92
CA GLY B 140 -10.59 5.92 -21.29
C GLY B 140 -10.73 4.51 -20.72
N LEU B 141 -9.64 3.75 -20.75
CA LEU B 141 -9.70 2.41 -20.14
C LEU B 141 -9.88 2.48 -18.61
N MET B 142 -9.21 3.44 -17.97
CA MET B 142 -9.34 3.54 -16.50
C MET B 142 -10.75 3.97 -16.09
N LEU B 143 -11.32 4.88 -16.89
CA LEU B 143 -12.73 5.30 -16.69
C LEU B 143 -13.64 4.11 -16.88
N SER B 144 -13.39 3.29 -17.88
CA SER B 144 -14.19 2.07 -18.13
C SER B 144 -14.19 1.13 -16.96
N ALA B 145 -12.99 0.94 -16.40
CA ALA B 145 -12.87 0.12 -15.20
C ALA B 145 -13.76 0.62 -14.03
N ILE B 146 -13.71 1.92 -13.78
CA ILE B 146 -14.49 2.48 -12.66
C ILE B 146 -15.98 2.38 -12.96
N ILE B 147 -16.40 2.66 -14.19
CA ILE B 147 -17.84 2.51 -14.54
C ILE B 147 -18.27 1.05 -14.32
N SER B 148 -17.43 0.11 -14.76
CA SER B 148 -17.77 -1.30 -14.63
C SER B 148 -17.87 -1.74 -13.16
N ASP B 149 -16.85 -1.44 -12.35
CA ASP B 149 -16.86 -1.92 -10.99
C ASP B 149 -17.92 -1.19 -10.15
N SER B 150 -18.24 0.05 -10.51
CA SER B 150 -19.22 0.85 -9.73
C SER B 150 -20.65 0.69 -10.19
N LEU B 151 -20.87 -0.04 -11.29
CA LEU B 151 -22.21 -0.11 -11.90
C LEU B 151 -22.73 1.28 -12.22
N LEU B 152 -21.93 2.05 -12.95
CA LEU B 152 -22.25 3.44 -13.28
C LEU B 152 -22.62 4.21 -12.01
N PHE B 153 -21.79 4.07 -11.00
CA PHE B 153 -21.84 4.83 -9.74
C PHE B 153 -23.05 4.50 -8.90
N LYS B 154 -23.62 3.32 -9.14
CA LYS B 154 -24.78 2.87 -8.39
C LYS B 154 -24.46 1.88 -7.31
N SER B 155 -23.23 1.38 -7.23
CA SER B 155 -22.87 0.39 -6.23
C SER B 155 -22.50 1.04 -4.92
N PRO B 156 -22.93 0.52 -3.76
N PRO B 156 -22.91 0.43 -3.80
CA PRO B 156 -22.38 1.03 -2.50
CA PRO B 156 -22.42 0.82 -2.47
C PRO B 156 -20.88 0.84 -2.30
C PRO B 156 -20.90 0.77 -2.29
N THR B 157 -20.20 0.06 -3.16
CA THR B 157 -18.73 -0.01 -3.10
C THR B 157 -18.07 1.23 -3.68
N CYS B 158 -18.81 1.99 -4.49
CA CYS B 158 -18.29 3.24 -5.08
C CYS B 158 -18.11 4.30 -4.00
N THR B 159 -16.94 4.92 -3.95
CA THR B 159 -16.63 5.95 -2.97
C THR B 159 -16.48 7.29 -3.65
N ASP B 160 -16.39 8.34 -2.85
CA ASP B 160 -16.13 9.67 -3.40
C ASP B 160 -14.82 9.70 -4.16
N GLN B 161 -13.82 8.90 -3.73
CA GLN B 161 -12.58 8.85 -4.51
C GLN B 161 -12.78 8.30 -5.92
N ASP B 162 -13.62 7.27 -6.04
CA ASP B 162 -13.89 6.71 -7.36
C ASP B 162 -14.62 7.71 -8.24
N VAL B 163 -15.59 8.42 -7.67
CA VAL B 163 -16.32 9.44 -8.47
C VAL B 163 -15.37 10.56 -8.91
N ALA B 164 -14.49 11.00 -8.00
CA ALA B 164 -13.55 12.06 -8.35
C ALA B 164 -12.56 11.58 -9.46
N ALA B 165 -12.09 10.32 -9.36
CA ALA B 165 -11.21 9.79 -10.38
C ALA B 165 -11.96 9.68 -11.72
N ALA B 166 -13.21 9.20 -11.70
CA ALA B 166 -13.97 9.09 -12.96
C ALA B 166 -14.19 10.46 -13.62
N LYS B 167 -14.43 11.50 -12.82
CA LYS B 167 -14.58 12.88 -13.38
C LYS B 167 -13.31 13.34 -14.09
N GLU B 168 -12.16 13.12 -13.45
CA GLU B 168 -10.88 13.47 -14.02
C GLU B 168 -10.63 12.72 -15.31
N LEU B 169 -10.88 11.41 -15.25
CA LEU B 169 -10.53 10.55 -16.39
C LEU B 169 -11.46 10.74 -17.58
N ALA B 170 -12.75 11.02 -17.31
CA ALA B 170 -13.65 11.32 -18.43
C ALA B 170 -13.18 12.58 -19.17
N GLU B 171 -12.73 13.58 -18.43
CA GLU B 171 -12.27 14.85 -19.04
C GLU B 171 -11.04 14.57 -19.93
N ILE B 172 -10.13 13.76 -19.39
CA ILE B 172 -8.93 13.39 -20.13
C ILE B 172 -9.23 12.57 -21.37
N ALA B 173 -10.13 11.61 -21.22
CA ALA B 173 -10.52 10.70 -22.31
C ALA B 173 -11.38 11.38 -23.37
N GLY B 174 -11.98 12.53 -23.04
CA GLY B 174 -12.85 13.21 -24.02
C GLY B 174 -14.22 12.63 -24.17
N VAL B 175 -14.76 12.00 -23.14
CA VAL B 175 -16.09 11.45 -23.26
C VAL B 175 -16.99 11.91 -22.16
N ASP B 176 -18.28 11.83 -22.43
CA ASP B 176 -19.27 11.97 -21.41
C ASP B 176 -19.43 10.62 -20.73
N ALA B 177 -19.20 10.60 -19.43
CA ALA B 177 -19.14 9.32 -18.72
C ALA B 177 -20.43 8.56 -18.73
N GLU B 178 -21.55 9.27 -18.64
CA GLU B 178 -22.82 8.57 -18.66
C GLU B 178 -23.16 7.95 -20.01
N GLU B 179 -23.01 8.74 -21.06
CA GLU B 179 -23.31 8.26 -22.42
C GLU B 179 -22.40 7.08 -22.77
N TYR B 180 -21.09 7.28 -22.58
CA TYR B 180 -20.15 6.22 -22.86
C TYR B 180 -20.41 5.00 -21.95
N GLY B 181 -20.59 5.24 -20.65
CA GLY B 181 -20.82 4.16 -19.72
C GLY B 181 -22.02 3.30 -19.98
N LEU B 182 -23.14 3.96 -20.36
CA LEU B 182 -24.31 3.16 -20.68
C LEU B 182 -24.10 2.28 -21.93
N ASN B 183 -23.38 2.79 -22.93
CA ASN B 183 -23.07 1.97 -24.08
C ASN B 183 -22.15 0.82 -23.76
N MET B 184 -21.16 1.08 -22.91
CA MET B 184 -20.21 0.03 -22.51
C MET B 184 -20.94 -1.04 -21.73
N LEU B 185 -21.78 -0.64 -20.76
CA LEU B 185 -22.44 -1.62 -19.91
C LEU B 185 -23.42 -2.45 -20.74
N LYS B 186 -24.09 -1.81 -21.70
CA LYS B 186 -25.06 -2.53 -22.53
C LYS B 186 -24.37 -3.54 -23.44
N ALA B 187 -23.10 -3.31 -23.77
CA ALA B 187 -22.37 -4.25 -24.63
C ALA B 187 -22.06 -5.54 -23.89
N GLY B 188 -22.13 -5.51 -22.56
CA GLY B 188 -21.90 -6.68 -21.75
C GLY B 188 -23.14 -7.44 -21.42
#